data_8YA7
#
_entry.id   8YA7
#
_cell.length_a   54.017
_cell.length_b   67.290
_cell.length_c   239.817
_cell.angle_alpha   90.00
_cell.angle_beta   90.00
_cell.angle_gamma   90.00
#
_symmetry.space_group_name_H-M   'C 2 2 21'
#
loop_
_entity.id
_entity.type
_entity.pdbx_description
1 polymer endo-1,3-fucanase
2 branched alpha-L-fucopyranose-(1-3)-2,4-di-O-sulfo-alpha-L-fucopyranose-(1-3)-2-O-sulfo-alpha-L-fucopyranose-(1-3)-2-O-sulfo-alpha-L-fucopyranose
3 water water
#
_entity_poly.entity_id   1
_entity_poly.type   'polypeptide(L)'
_entity_poly.pdbx_seq_one_letter_code
;MGSSHHHHHHSSGLVPRGSHMASMTGGQQMGRGSCSTTKTHTNTSTIVKNEKIDFYVSDGSKFISQDFYPKFSWESTPEY
AMFGNGASLLTPKEVEKIAAKTDFICIEKNHAYRTLEFAEIGAREEIKNFKAIKPEIKALYYFNSAYAWPFTSYNKNFKK
NKIDDYPELKKFILVDKTTGELQHRNNTLCFDVLNPEFRTWWVKTVAQGVKDSGADGVFIDQMHGFVWLRSSQKEEVEKA
MGEMMANLKAAIGTNKILLGNNASSVKDVFPAIDAAMFEHYNNKKLSKENLLKEWGDMLANAKAGKMSIFRIGVEAEKEE
ASQTLIKGSRGESLEELSKERLEYYQACFLIGAQPYSYFQYGWGWRLDTGPLVDYPELQKPLGAPKGAYKRLHENGWEFT
REFEHASVWVDTEKKEAKIEWKK
;
_entity_poly.pdbx_strand_id   A
#
loop_
_chem_comp.id
_chem_comp.type
_chem_comp.name
_chem_comp.formula
FUC L-saccharide, alpha linking alpha-L-fucopyranose 'C6 H12 O5'
X2Y L-saccharide, alpha linking 2,4-di-O-sulfo-alpha-L-fucopyranose 'C6 H12 O11 S2'
X6Y L-saccharide, alpha linking 2-O-sulfo-alpha-L-fucopyranose 'C6 H12 O8 S'
#
# COMPACT_ATOMS: atom_id res chain seq x y z
N LYS A 52 -6.90 20.44 -20.35
CA LYS A 52 -6.37 19.78 -19.17
C LYS A 52 -7.24 20.05 -17.96
N ILE A 53 -7.91 19.01 -17.47
CA ILE A 53 -8.89 19.09 -16.39
C ILE A 53 -8.41 18.19 -15.24
N ASP A 54 -9.03 18.38 -14.07
CA ASP A 54 -8.58 17.65 -12.89
C ASP A 54 -8.71 16.14 -13.07
N PHE A 55 -9.54 15.70 -14.03
CA PHE A 55 -9.78 14.29 -14.28
C PHE A 55 -9.10 13.81 -15.55
N TYR A 56 -8.24 14.63 -16.12
CA TYR A 56 -7.63 14.29 -17.39
C TYR A 56 -6.52 13.26 -17.18
N VAL A 57 -6.65 12.15 -17.90
CA VAL A 57 -5.63 11.11 -17.92
C VAL A 57 -4.55 11.53 -18.88
N SER A 58 -3.32 11.11 -18.61
CA SER A 58 -2.20 11.70 -19.33
C SER A 58 -2.28 11.49 -20.84
N ASP A 59 -3.06 10.51 -21.31
CA ASP A 59 -3.21 10.28 -22.74
C ASP A 59 -4.44 10.96 -23.35
N GLY A 60 -5.02 11.94 -22.64
CA GLY A 60 -6.14 12.70 -23.15
C GLY A 60 -7.50 12.14 -22.80
N SER A 61 -7.56 10.94 -22.23
CA SER A 61 -8.83 10.37 -21.80
C SER A 61 -9.24 10.96 -20.45
N LYS A 62 -10.47 10.64 -20.05
CA LYS A 62 -11.02 11.15 -18.81
C LYS A 62 -11.26 10.04 -17.79
N PHE A 63 -10.88 10.32 -16.53
CA PHE A 63 -11.04 9.39 -15.43
C PHE A 63 -12.47 9.48 -14.90
N ILE A 64 -13.12 8.32 -14.73
CA ILE A 64 -14.47 8.26 -14.21
C ILE A 64 -14.39 7.64 -12.82
N SER A 65 -14.46 8.49 -11.80
CA SER A 65 -14.42 8.02 -10.43
C SER A 65 -15.73 7.36 -10.04
N GLN A 66 -15.63 6.34 -9.18
CA GLN A 66 -16.83 5.81 -8.53
C GLN A 66 -17.17 6.68 -7.32
N ASP A 67 -18.45 6.62 -6.90
CA ASP A 67 -18.93 7.48 -5.80
C ASP A 67 -18.31 7.15 -4.44
N PHE A 68 -17.81 5.93 -4.27
CA PHE A 68 -17.28 5.52 -2.99
C PHE A 68 -15.78 5.77 -2.87
N TYR A 69 -15.16 6.38 -3.88
CA TYR A 69 -13.73 6.60 -3.86
C TYR A 69 -13.34 7.73 -2.91
N PRO A 70 -12.05 7.80 -2.55
CA PRO A 70 -11.59 8.90 -1.70
C PRO A 70 -11.68 10.23 -2.43
N LYS A 71 -11.63 11.30 -1.63
CA LYS A 71 -11.40 12.61 -2.21
C LYS A 71 -10.11 12.62 -3.00
N PHE A 72 -10.06 13.54 -3.97
CA PHE A 72 -8.87 13.74 -4.78
C PHE A 72 -8.83 15.17 -5.29
N SER A 73 -7.65 15.77 -5.23
CA SER A 73 -7.43 17.03 -5.95
C SER A 73 -5.94 17.16 -6.21
N TRP A 74 -5.60 18.07 -7.12
CA TRP A 74 -4.20 18.34 -7.43
C TRP A 74 -3.64 19.50 -6.62
N GLU A 75 -4.41 20.06 -5.69
CA GLU A 75 -4.00 21.26 -4.96
C GLU A 75 -2.55 21.18 -4.51
N SER A 76 -2.19 20.05 -3.88
CA SER A 76 -0.85 19.73 -3.45
C SER A 76 -0.61 18.29 -3.85
N THR A 77 0.59 17.76 -3.55
CA THR A 77 0.86 16.38 -3.92
C THR A 77 -0.16 15.49 -3.21
N PRO A 78 -0.99 14.75 -3.92
CA PRO A 78 -1.98 13.90 -3.23
C PRO A 78 -1.28 12.85 -2.36
N GLU A 79 -1.77 12.67 -1.12
CA GLU A 79 -1.10 11.83 -0.14
C GLU A 79 -1.97 10.73 0.46
N TYR A 80 -1.36 9.54 0.57
CA TYR A 80 -1.90 8.40 1.29
C TYR A 80 -0.94 8.11 2.44
N ALA A 81 -1.50 7.86 3.63
CA ALA A 81 -0.73 7.51 4.82
C ALA A 81 -1.16 6.14 5.33
N MET A 82 -0.19 5.27 5.63
CA MET A 82 -0.41 3.92 6.09
C MET A 82 0.53 3.63 7.22
N PHE A 83 -0.01 3.11 8.32
CA PHE A 83 0.71 3.15 9.57
C PHE A 83 0.01 2.29 10.62
N GLY A 84 0.80 1.87 11.61
CA GLY A 84 0.30 1.23 12.81
C GLY A 84 1.33 1.40 13.90
N ASN A 85 0.89 1.21 15.13
CA ASN A 85 1.77 1.28 16.29
C ASN A 85 1.26 0.20 17.22
N GLY A 86 1.97 -0.92 17.30
CA GLY A 86 1.50 -1.99 18.16
C GLY A 86 1.25 -1.55 19.58
N ALA A 87 1.88 -0.43 19.97
CA ALA A 87 1.99 -0.01 21.37
C ALA A 87 0.77 0.74 21.88
N SER A 88 0.07 1.46 21.00
CA SER A 88 -0.95 2.39 21.44
C SER A 88 -1.72 2.93 20.25
N LEU A 89 -2.83 3.60 20.56
CA LEU A 89 -3.64 4.36 19.64
C LEU A 89 -3.00 5.72 19.40
N LEU A 90 -3.40 6.34 18.30
CA LEU A 90 -2.94 7.69 18.01
C LEU A 90 -3.52 8.66 19.04
N THR A 91 -2.70 9.62 19.48
CA THR A 91 -3.23 10.71 20.30
C THR A 91 -4.11 11.59 19.41
N PRO A 92 -4.98 12.43 20.01
CA PRO A 92 -5.80 13.32 19.14
C PRO A 92 -4.96 14.25 18.31
N LYS A 93 -3.83 14.74 18.85
CA LYS A 93 -2.93 15.59 18.06
C LYS A 93 -2.43 14.89 16.81
N GLU A 94 -2.02 13.63 16.97
CA GLU A 94 -1.51 12.86 15.85
C GLU A 94 -2.57 12.63 14.79
N VAL A 95 -3.81 12.41 15.22
CA VAL A 95 -4.89 12.25 14.24
C VAL A 95 -5.05 13.52 13.42
N GLU A 96 -4.94 14.68 14.06
CA GLU A 96 -5.01 15.92 13.31
C GLU A 96 -3.82 16.07 12.37
N LYS A 97 -2.62 15.70 12.83
CA LYS A 97 -1.49 15.80 11.93
C LYS A 97 -1.71 14.95 10.69
N ILE A 98 -2.07 13.69 10.89
CA ILE A 98 -2.29 12.81 9.73
C ILE A 98 -3.51 13.26 8.94
N ALA A 99 -4.61 13.58 9.63
CA ALA A 99 -5.82 13.99 8.92
C ALA A 99 -5.61 15.30 8.17
N ALA A 100 -4.65 16.12 8.60
CA ALA A 100 -4.28 17.33 7.89
C ALA A 100 -3.42 17.05 6.68
N LYS A 101 -2.92 15.83 6.54
CA LYS A 101 -2.03 15.47 5.44
C LYS A 101 -2.75 14.66 4.38
N THR A 102 -3.78 13.92 4.75
CA THR A 102 -4.34 12.90 3.89
C THR A 102 -5.83 12.76 4.13
N ASP A 103 -6.54 12.45 3.05
CA ASP A 103 -7.94 12.03 3.13
C ASP A 103 -8.11 10.54 2.88
N PHE A 104 -7.03 9.76 2.95
CA PHE A 104 -6.97 8.41 2.40
C PHE A 104 -5.85 7.67 3.15
N ILE A 105 -6.23 6.84 4.11
CA ILE A 105 -5.42 6.29 5.20
C ILE A 105 -5.66 4.80 5.28
N CYS A 106 -4.68 4.10 5.82
CA CYS A 106 -4.78 2.65 6.00
C CYS A 106 -4.06 2.28 7.29
N ILE A 107 -4.73 1.49 8.13
CA ILE A 107 -4.20 1.05 9.43
C ILE A 107 -3.57 -0.33 9.29
N GLU A 108 -2.40 -0.52 9.87
CA GLU A 108 -1.55 -1.64 9.51
C GLU A 108 -1.84 -2.84 10.41
N LYS A 109 -1.00 -3.88 10.29
CA LYS A 109 -1.39 -5.22 10.68
C LYS A 109 -1.48 -5.47 12.18
N ASN A 110 -0.93 -4.62 13.04
CA ASN A 110 -0.97 -4.95 14.47
C ASN A 110 -1.41 -3.77 15.30
N HIS A 111 -2.02 -2.78 14.69
CA HIS A 111 -2.21 -1.51 15.38
C HIS A 111 -2.89 -1.68 16.74
N ALA A 112 -2.22 -1.23 17.79
CA ALA A 112 -2.76 -1.13 19.15
C ALA A 112 -3.19 -2.48 19.71
N TYR A 113 -2.70 -3.56 19.14
CA TYR A 113 -3.06 -4.88 19.57
C TYR A 113 -2.61 -5.18 20.97
N ARG A 114 -1.50 -4.59 21.38
CA ARG A 114 -1.02 -4.86 22.73
C ARG A 114 -1.80 -4.14 23.82
N THR A 115 -2.64 -3.18 23.48
CA THR A 115 -3.44 -2.49 24.48
C THR A 115 -4.93 -2.55 24.24
N LEU A 116 -5.38 -2.87 23.03
CA LEU A 116 -6.80 -3.12 22.74
C LEU A 116 -7.02 -4.56 22.33
N GLU A 117 -6.07 -5.43 22.66
CA GLU A 117 -6.08 -6.88 22.49
C GLU A 117 -5.96 -7.35 21.04
N PHE A 118 -6.65 -6.71 20.11
CA PHE A 118 -6.78 -7.24 18.75
C PHE A 118 -6.63 -6.12 17.73
N ALA A 119 -5.89 -6.38 16.64
CA ALA A 119 -5.63 -5.34 15.64
C ALA A 119 -6.92 -4.74 15.04
N GLU A 120 -7.93 -5.56 14.77
CA GLU A 120 -9.17 -5.00 14.23
C GLU A 120 -9.89 -4.10 15.24
N ILE A 121 -9.62 -4.27 16.54
CA ILE A 121 -10.12 -3.29 17.51
C ILE A 121 -9.29 -2.02 17.45
N GLY A 122 -7.98 -2.14 17.26
CA GLY A 122 -7.19 -0.96 17.00
C GLY A 122 -7.67 -0.21 15.78
N ALA A 123 -7.97 -0.93 14.71
CA ALA A 123 -8.43 -0.29 13.48
C ALA A 123 -9.76 0.39 13.71
N ARG A 124 -10.70 -0.32 14.32
CA ARG A 124 -12.01 0.27 14.61
C ARG A 124 -11.86 1.60 15.36
N GLU A 125 -10.88 1.68 16.27
CA GLU A 125 -10.71 2.89 17.07
C GLU A 125 -10.25 4.05 16.20
N GLU A 126 -9.33 3.79 15.27
CA GLU A 126 -8.85 4.85 14.39
C GLU A 126 -9.89 5.22 13.33
N ILE A 127 -10.60 4.23 12.78
CA ILE A 127 -11.70 4.57 11.88
C ILE A 127 -12.61 5.60 12.56
N LYS A 128 -12.97 5.33 13.81
CA LYS A 128 -13.90 6.20 14.54
C LYS A 128 -13.28 7.57 14.81
N ASN A 129 -12.03 7.58 15.24
CA ASN A 129 -11.40 8.84 15.61
C ASN A 129 -11.22 9.74 14.40
N PHE A 130 -10.82 9.17 13.26
CA PHE A 130 -10.58 9.97 12.06
C PHE A 130 -11.89 10.48 11.45
N LYS A 131 -12.90 9.64 11.40
CA LYS A 131 -14.17 10.03 10.81
C LYS A 131 -14.95 11.02 11.68
N ALA A 132 -14.80 10.92 12.99
CA ALA A 132 -15.43 11.92 13.83
C ALA A 132 -14.97 13.31 13.44
N ILE A 133 -13.68 13.50 13.27
CA ILE A 133 -13.21 14.85 13.02
C ILE A 133 -13.23 15.20 11.54
N LYS A 134 -13.10 14.21 10.66
CA LYS A 134 -13.10 14.46 9.22
C LYS A 134 -13.97 13.41 8.55
N PRO A 135 -15.29 13.64 8.49
CA PRO A 135 -16.19 12.60 7.95
C PRO A 135 -15.86 12.16 6.54
N GLU A 136 -15.18 12.98 5.76
CA GLU A 136 -14.89 12.65 4.37
C GLU A 136 -13.73 11.69 4.21
N ILE A 137 -13.01 11.38 5.29
CA ILE A 137 -11.81 10.57 5.20
C ILE A 137 -12.17 9.12 4.97
N LYS A 138 -11.42 8.46 4.09
CA LYS A 138 -11.51 7.03 3.86
C LYS A 138 -10.39 6.34 4.63
N ALA A 139 -10.74 5.27 5.34
CA ALA A 139 -9.80 4.54 6.19
C ALA A 139 -9.90 3.07 5.83
N LEU A 140 -8.77 2.45 5.51
CA LEU A 140 -8.74 1.07 5.06
C LEU A 140 -8.26 0.14 6.16
N TYR A 141 -8.92 -1.01 6.26
CA TYR A 141 -8.44 -2.15 7.04
C TYR A 141 -7.28 -2.80 6.30
N TYR A 142 -6.59 -3.71 6.98
CA TYR A 142 -5.46 -4.42 6.41
C TYR A 142 -5.67 -5.92 6.62
N PHE A 143 -5.31 -6.73 5.64
CA PHE A 143 -5.27 -8.17 5.93
C PHE A 143 -4.34 -8.85 4.95
N ASN A 144 -3.51 -9.75 5.47
CA ASN A 144 -2.57 -10.47 4.64
C ASN A 144 -3.19 -11.76 4.10
N SER A 145 -2.98 -12.00 2.79
CA SER A 145 -3.44 -13.19 2.10
C SER A 145 -2.56 -14.42 2.30
N ALA A 146 -1.36 -14.25 2.82
CA ALA A 146 -0.32 -15.28 2.82
C ALA A 146 0.21 -15.58 4.21
N TYR A 147 0.68 -14.56 4.90
CA TYR A 147 1.28 -14.74 6.22
C TYR A 147 0.17 -14.59 7.24
N ALA A 148 0.01 -15.61 8.07
CA ALA A 148 -1.08 -15.65 9.06
C ALA A 148 -0.66 -14.93 10.34
N TRP A 149 -0.51 -13.60 10.21
CA TRP A 149 -0.12 -12.75 11.34
C TRP A 149 -1.13 -12.95 12.45
N PRO A 150 -0.70 -13.25 13.70
CA PRO A 150 -1.72 -13.58 14.73
C PRO A 150 -2.22 -12.39 15.53
N PHE A 151 -2.45 -11.26 14.89
CA PHE A 151 -2.70 -10.03 15.63
C PHE A 151 -4.19 -9.72 15.78
N THR A 152 -5.02 -10.19 14.85
CA THR A 152 -6.47 -10.00 14.93
C THR A 152 -7.07 -11.14 15.72
N SER A 153 -8.35 -10.97 16.11
CA SER A 153 -9.08 -12.07 16.70
C SER A 153 -9.17 -13.22 15.72
N TYR A 154 -9.25 -12.91 14.42
CA TYR A 154 -9.50 -13.92 13.40
C TYR A 154 -8.32 -14.87 13.29
N ASN A 155 -7.11 -14.34 13.44
CA ASN A 155 -5.91 -15.11 13.30
C ASN A 155 -5.29 -15.52 14.64
N LYS A 156 -6.00 -15.37 15.75
CA LYS A 156 -5.30 -15.53 17.02
C LYS A 156 -4.86 -16.96 17.28
N ASN A 157 -5.46 -17.93 16.63
CA ASN A 157 -5.08 -19.31 16.87
C ASN A 157 -3.90 -19.81 16.02
N PHE A 158 -3.41 -19.03 15.07
CA PHE A 158 -2.24 -19.42 14.28
C PHE A 158 -0.94 -19.11 15.03
N LYS A 159 -0.80 -19.78 16.18
CA LYS A 159 0.42 -19.80 16.98
C LYS A 159 0.84 -21.24 17.27
N LYS A 160 2.11 -21.40 17.64
CA LYS A 160 2.64 -22.75 17.86
C LYS A 160 2.06 -23.40 19.11
N ASN A 161 1.47 -22.58 19.98
CA ASN A 161 0.84 -23.06 21.19
C ASN A 161 -0.68 -23.12 21.12
N LYS A 162 -1.31 -22.58 20.07
CA LYS A 162 -2.77 -22.67 19.95
C LYS A 162 -3.26 -23.50 18.78
N ILE A 163 -2.45 -23.70 17.73
CA ILE A 163 -2.97 -24.16 16.45
C ILE A 163 -3.47 -25.59 16.54
N ASP A 164 -2.80 -26.44 17.32
CA ASP A 164 -3.24 -27.83 17.47
C ASP A 164 -4.53 -27.95 18.28
N ASP A 165 -4.97 -26.89 18.94
CA ASP A 165 -6.32 -26.92 19.48
C ASP A 165 -7.35 -26.60 18.42
N TYR A 166 -6.92 -26.25 17.21
CA TYR A 166 -7.84 -25.86 16.14
C TYR A 166 -7.44 -26.57 14.86
N PRO A 167 -7.62 -27.89 14.80
CA PRO A 167 -7.24 -28.64 13.59
C PRO A 167 -7.98 -28.17 12.37
N GLU A 168 -9.18 -27.62 12.54
CA GLU A 168 -9.95 -27.13 11.41
C GLU A 168 -9.29 -25.92 10.75
N LEU A 169 -8.46 -25.18 11.51
CA LEU A 169 -7.73 -24.03 10.97
C LEU A 169 -6.35 -24.44 10.50
N LYS A 170 -5.70 -25.36 11.22
CA LYS A 170 -4.38 -25.83 10.82
C LYS A 170 -4.39 -26.37 9.39
N LYS A 171 -5.49 -27.00 8.97
CA LYS A 171 -5.56 -27.58 7.65
C LYS A 171 -5.47 -26.56 6.52
N PHE A 172 -5.72 -25.28 6.81
CA PHE A 172 -5.54 -24.17 5.87
C PHE A 172 -4.07 -23.80 5.64
N ILE A 173 -3.11 -24.42 6.33
CA ILE A 173 -1.72 -23.98 6.30
C ILE A 173 -0.86 -24.91 5.44
N LEU A 174 0.19 -24.34 4.82
CA LEU A 174 1.16 -25.16 4.09
C LEU A 174 2.04 -25.96 5.03
N VAL A 175 2.22 -27.25 4.70
CA VAL A 175 3.07 -28.19 5.41
C VAL A 175 4.35 -28.44 4.61
N ASP A 176 5.48 -28.56 5.33
CA ASP A 176 6.73 -28.94 4.68
C ASP A 176 6.72 -30.46 4.47
N LYS A 177 6.91 -30.88 3.22
CA LYS A 177 6.73 -32.29 2.89
C LYS A 177 7.82 -33.17 3.51
N THR A 178 9.06 -32.67 3.58
CA THR A 178 10.16 -33.49 4.09
C THR A 178 10.03 -33.72 5.58
N THR A 179 9.68 -32.68 6.33
CA THR A 179 9.65 -32.80 7.77
C THR A 179 8.24 -33.04 8.31
N GLY A 180 7.21 -32.87 7.50
CA GLY A 180 5.85 -32.86 7.99
C GLY A 180 5.49 -31.69 8.87
N GLU A 181 6.46 -30.88 9.30
CA GLU A 181 6.20 -29.67 10.09
C GLU A 181 5.50 -28.61 9.23
N LEU A 182 4.96 -27.59 9.89
CA LEU A 182 4.34 -26.47 9.19
C LEU A 182 5.44 -25.56 8.64
N GLN A 183 5.22 -25.07 7.42
CA GLN A 183 6.05 -24.00 6.88
C GLN A 183 5.85 -22.76 7.73
N HIS A 184 6.91 -21.95 7.85
CA HIS A 184 6.78 -20.72 8.63
C HIS A 184 7.93 -19.76 8.35
N ARG A 185 7.74 -18.54 8.82
CA ARG A 185 8.78 -17.51 8.81
C ARG A 185 8.71 -16.80 10.15
N ASN A 186 9.75 -16.98 10.95
CA ASN A 186 9.81 -16.50 12.32
C ASN A 186 8.53 -16.92 13.05
N ASN A 187 8.10 -18.15 12.78
CA ASN A 187 6.95 -18.80 13.42
C ASN A 187 5.63 -18.16 13.04
N THR A 188 5.57 -17.48 11.91
CA THR A 188 4.31 -17.11 11.29
C THR A 188 4.01 -18.12 10.18
N LEU A 189 2.82 -18.71 10.23
CA LEU A 189 2.46 -19.80 9.36
C LEU A 189 1.97 -19.24 8.03
N CYS A 190 1.78 -20.14 7.05
CA CYS A 190 1.52 -19.78 5.67
C CYS A 190 0.19 -20.34 5.19
N PHE A 191 -0.75 -19.44 4.88
CA PHE A 191 -2.00 -19.84 4.28
C PHE A 191 -1.79 -20.54 2.95
N ASP A 192 -2.70 -21.47 2.63
CA ASP A 192 -2.64 -22.18 1.34
C ASP A 192 -3.81 -21.79 0.44
N VAL A 193 -3.53 -20.89 -0.52
CA VAL A 193 -4.59 -20.40 -1.41
C VAL A 193 -5.16 -21.48 -2.30
N LEU A 194 -4.43 -22.58 -2.49
CA LEU A 194 -4.94 -23.69 -3.30
C LEU A 194 -6.08 -24.43 -2.60
N ASN A 195 -6.20 -24.25 -1.29
CA ASN A 195 -7.20 -24.93 -0.48
C ASN A 195 -8.50 -24.13 -0.53
N PRO A 196 -9.55 -24.64 -1.19
CA PRO A 196 -10.80 -23.86 -1.31
C PRO A 196 -11.51 -23.58 0.00
N GLU A 197 -11.42 -24.47 0.99
CA GLU A 197 -12.01 -24.13 2.29
C GLU A 197 -11.28 -22.94 2.93
N PHE A 198 -9.97 -22.81 2.69
CA PHE A 198 -9.27 -21.65 3.22
C PHE A 198 -9.77 -20.37 2.55
N ARG A 199 -9.93 -20.40 1.23
CA ARG A 199 -10.35 -19.23 0.48
C ARG A 199 -11.72 -18.75 0.96
N THR A 200 -12.65 -19.67 1.18
CA THR A 200 -13.95 -19.24 1.70
C THR A 200 -13.80 -18.68 3.12
N TRP A 201 -12.99 -19.33 3.97
CA TRP A 201 -12.80 -18.83 5.34
C TRP A 201 -12.15 -17.44 5.33
N TRP A 202 -11.18 -17.23 4.45
CA TRP A 202 -10.44 -15.99 4.39
C TRP A 202 -11.33 -14.85 3.92
N VAL A 203 -12.08 -15.05 2.83
CA VAL A 203 -13.02 -14.03 2.38
C VAL A 203 -13.95 -13.68 3.53
N LYS A 204 -14.50 -14.70 4.18
CA LYS A 204 -15.41 -14.47 5.31
C LYS A 204 -14.73 -13.65 6.38
N THR A 205 -13.46 -13.94 6.63
CA THR A 205 -12.73 -13.33 7.74
C THR A 205 -12.41 -11.88 7.41
N VAL A 206 -12.04 -11.62 6.18
CA VAL A 206 -11.75 -10.25 5.76
C VAL A 206 -13.01 -9.39 5.85
N ALA A 207 -14.11 -9.90 5.32
CA ALA A 207 -15.36 -9.15 5.38
C ALA A 207 -15.77 -8.89 6.83
N GLN A 208 -15.54 -9.86 7.71
CA GLN A 208 -15.88 -9.63 9.10
C GLN A 208 -15.06 -8.49 9.70
N GLY A 209 -13.79 -8.38 9.31
CA GLY A 209 -12.95 -7.35 9.87
C GLY A 209 -13.32 -5.97 9.37
N VAL A 210 -13.53 -5.83 8.07
CA VAL A 210 -14.04 -4.58 7.52
C VAL A 210 -15.32 -4.16 8.22
N LYS A 211 -16.28 -5.09 8.30
CA LYS A 211 -17.56 -4.78 8.94
C LYS A 211 -17.38 -4.42 10.40
N ASP A 212 -16.63 -5.24 11.16
CA ASP A 212 -16.44 -4.92 12.57
C ASP A 212 -15.73 -3.58 12.75
N SER A 213 -14.72 -3.31 11.94
CA SER A 213 -13.95 -2.09 12.11
C SER A 213 -14.64 -0.86 11.54
N GLY A 214 -15.63 -1.03 10.67
CA GLY A 214 -16.25 0.12 10.06
C GLY A 214 -15.44 0.75 8.96
N ALA A 215 -14.41 0.07 8.45
CA ALA A 215 -13.53 0.66 7.46
C ALA A 215 -14.22 0.76 6.12
N ASP A 216 -13.64 1.61 5.25
CA ASP A 216 -14.18 1.89 3.93
C ASP A 216 -13.66 0.90 2.87
N GLY A 217 -12.86 -0.07 3.25
CA GLY A 217 -12.27 -1.02 2.33
C GLY A 217 -11.13 -1.73 3.02
N VAL A 218 -10.34 -2.44 2.22
CA VAL A 218 -9.22 -3.19 2.77
C VAL A 218 -8.06 -3.21 1.80
N PHE A 219 -6.89 -3.07 2.39
CA PHE A 219 -5.57 -3.31 1.82
C PHE A 219 -5.26 -4.80 1.98
N ILE A 220 -5.18 -5.50 0.86
CA ILE A 220 -4.81 -6.92 0.83
C ILE A 220 -3.34 -7.01 0.47
N ASP A 221 -2.56 -7.58 1.37
CA ASP A 221 -1.12 -7.68 1.22
C ASP A 221 -0.74 -9.08 0.77
N GLN A 222 0.15 -9.14 -0.21
CA GLN A 222 0.74 -10.33 -0.79
C GLN A 222 -0.15 -10.96 -1.85
N MET A 223 0.44 -11.29 -3.01
CA MET A 223 -0.26 -11.79 -4.19
C MET A 223 0.26 -13.18 -4.57
N HIS A 224 1.36 -13.63 -3.96
CA HIS A 224 2.18 -14.69 -4.57
C HIS A 224 1.68 -16.10 -4.33
N GLY A 225 0.95 -16.32 -3.24
CA GLY A 225 0.47 -17.66 -2.96
C GLY A 225 1.55 -18.67 -2.61
N PHE A 226 2.67 -18.20 -2.10
CA PHE A 226 3.86 -19.01 -1.89
C PHE A 226 4.16 -19.91 -3.08
N VAL A 227 4.06 -19.34 -4.28
CA VAL A 227 4.13 -20.13 -5.50
C VAL A 227 5.49 -20.80 -5.61
N TRP A 228 6.52 -20.20 -5.01
CA TRP A 228 7.84 -20.78 -5.06
C TRP A 228 7.96 -22.06 -4.26
N LEU A 229 6.98 -22.40 -3.43
CA LEU A 229 6.98 -23.69 -2.75
C LEU A 229 6.19 -24.74 -3.50
N ARG A 230 5.61 -24.38 -4.64
CA ARG A 230 4.80 -25.30 -5.41
C ARG A 230 4.83 -24.83 -6.86
N SER A 231 6.06 -24.76 -7.39
CA SER A 231 6.33 -24.07 -8.65
C SER A 231 5.62 -24.75 -9.81
N SER A 232 5.35 -26.05 -9.70
CA SER A 232 4.69 -26.78 -10.76
C SER A 232 3.24 -26.37 -10.92
N GLN A 233 2.62 -25.83 -9.86
CA GLN A 233 1.24 -25.41 -9.90
C GLN A 233 1.09 -23.89 -9.93
N LYS A 234 2.07 -23.20 -10.50
CA LYS A 234 2.03 -21.75 -10.63
C LYS A 234 0.73 -21.27 -11.28
N GLU A 235 0.27 -21.97 -12.30
CA GLU A 235 -0.95 -21.55 -12.97
C GLU A 235 -2.16 -21.64 -12.04
N GLU A 236 -2.25 -22.73 -11.28
CA GLU A 236 -3.36 -22.91 -10.36
C GLU A 236 -3.31 -21.90 -9.22
N VAL A 237 -2.13 -21.63 -8.70
CA VAL A 237 -1.97 -20.61 -7.66
C VAL A 237 -2.49 -19.26 -8.18
N GLU A 238 -2.06 -18.88 -9.37
CA GLU A 238 -2.44 -17.55 -9.87
C GLU A 238 -3.94 -17.45 -10.05
N LYS A 239 -4.57 -18.52 -10.55
CA LYS A 239 -6.02 -18.48 -10.75
C LYS A 239 -6.75 -18.48 -9.43
N ALA A 240 -6.25 -19.23 -8.45
CA ALA A 240 -6.87 -19.27 -7.14
C ALA A 240 -6.81 -17.90 -6.48
N MET A 241 -5.67 -17.22 -6.56
CA MET A 241 -5.60 -15.86 -6.02
C MET A 241 -6.59 -14.93 -6.66
N GLY A 242 -6.65 -14.96 -7.98
CA GLY A 242 -7.60 -14.11 -8.67
C GLY A 242 -9.02 -14.41 -8.24
N GLU A 243 -9.33 -15.69 -8.08
CA GLU A 243 -10.66 -16.10 -7.68
C GLU A 243 -10.96 -15.68 -6.25
N MET A 244 -9.97 -15.79 -5.36
CA MET A 244 -10.25 -15.38 -3.98
C MET A 244 -10.47 -13.88 -3.92
N MET A 245 -9.72 -13.13 -4.72
CA MET A 245 -9.90 -11.68 -4.76
C MET A 245 -11.23 -11.31 -5.39
N ALA A 246 -11.66 -12.06 -6.40
CA ALA A 246 -12.95 -11.76 -6.99
C ALA A 246 -14.07 -12.04 -6.00
N ASN A 247 -13.96 -13.16 -5.27
CA ASN A 247 -14.97 -13.49 -4.26
C ASN A 247 -14.98 -12.47 -3.12
N LEU A 248 -13.81 -11.96 -2.73
CA LEU A 248 -13.78 -10.91 -1.71
C LEU A 248 -14.47 -9.65 -2.18
N LYS A 249 -14.22 -9.23 -3.42
CA LYS A 249 -14.86 -8.01 -3.90
C LYS A 249 -16.36 -8.13 -3.90
N ALA A 250 -16.86 -9.31 -4.28
CA ALA A 250 -18.30 -9.52 -4.31
C ALA A 250 -18.88 -9.56 -2.90
N ALA A 251 -18.17 -10.18 -1.96
CA ALA A 251 -18.72 -10.29 -0.61
C ALA A 251 -18.73 -8.95 0.11
N ILE A 252 -17.76 -8.11 -0.20
CA ILE A 252 -17.68 -6.82 0.43
C ILE A 252 -18.83 -5.93 -0.03
N GLY A 253 -19.27 -5.05 0.86
CA GLY A 253 -20.26 -4.05 0.47
C GLY A 253 -19.81 -3.35 -0.81
N THR A 254 -20.73 -2.88 -1.62
CA THR A 254 -20.32 -2.36 -2.92
C THR A 254 -19.85 -0.91 -2.86
N ASN A 255 -19.78 -0.32 -1.67
CA ASN A 255 -19.15 0.98 -1.47
C ASN A 255 -17.78 0.84 -0.81
N LYS A 256 -17.22 -0.38 -0.76
CA LYS A 256 -15.91 -0.63 -0.15
C LYS A 256 -14.78 -0.73 -1.16
N ILE A 257 -13.66 -0.08 -0.84
CA ILE A 257 -12.47 -0.05 -1.69
C ILE A 257 -11.64 -1.31 -1.43
N LEU A 258 -11.37 -2.07 -2.50
CA LEU A 258 -10.50 -3.23 -2.45
C LEU A 258 -9.18 -2.86 -3.10
N LEU A 259 -8.10 -2.85 -2.32
CA LEU A 259 -6.78 -2.41 -2.75
C LEU A 259 -5.84 -3.60 -2.75
N GLY A 260 -5.28 -3.93 -3.90
CA GLY A 260 -4.34 -5.05 -4.00
C GLY A 260 -2.93 -4.56 -4.02
N ASN A 261 -2.15 -4.91 -2.98
CA ASN A 261 -0.75 -4.51 -2.98
C ASN A 261 0.01 -5.19 -4.11
N ASN A 262 0.73 -4.38 -4.90
CA ASN A 262 1.52 -4.86 -6.02
C ASN A 262 0.69 -5.68 -7.02
N ALA A 263 -0.59 -5.35 -7.16
CA ALA A 263 -1.47 -6.13 -8.01
C ALA A 263 -1.72 -5.52 -9.38
N SER A 264 -1.10 -4.38 -9.72
CA SER A 264 -1.40 -3.69 -10.97
C SER A 264 -1.13 -4.56 -12.21
N SER A 265 -0.12 -5.43 -12.12
CA SER A 265 0.32 -6.32 -13.18
C SER A 265 0.00 -7.77 -12.89
N VAL A 266 -0.85 -8.04 -11.90
CA VAL A 266 -1.19 -9.40 -11.52
C VAL A 266 -2.48 -9.70 -12.26
N LYS A 267 -2.34 -10.41 -13.37
CA LYS A 267 -3.39 -10.44 -14.39
C LYS A 267 -4.70 -11.00 -13.86
N ASP A 268 -4.65 -12.06 -13.06
CA ASP A 268 -5.92 -12.64 -12.61
C ASP A 268 -6.57 -11.82 -11.49
N VAL A 269 -5.84 -10.94 -10.83
CA VAL A 269 -6.37 -10.17 -9.69
C VAL A 269 -6.89 -8.79 -10.10
N PHE A 270 -6.21 -8.13 -11.04
CA PHE A 270 -6.58 -6.82 -11.58
C PHE A 270 -8.10 -6.65 -11.78
N PRO A 271 -8.84 -7.59 -12.35
CA PRO A 271 -10.26 -7.33 -12.57
C PRO A 271 -11.04 -7.05 -11.31
N ALA A 272 -10.57 -7.52 -10.15
CA ALA A 272 -11.37 -7.40 -8.94
C ALA A 272 -11.05 -6.15 -8.13
N ILE A 273 -9.92 -5.52 -8.33
CA ILE A 273 -9.48 -4.46 -7.40
C ILE A 273 -9.91 -3.10 -7.93
N ASP A 274 -10.13 -2.17 -6.98
CA ASP A 274 -10.40 -0.77 -7.26
C ASP A 274 -9.15 0.08 -7.18
N ALA A 275 -8.09 -0.47 -6.59
CA ALA A 275 -6.90 0.26 -6.24
C ALA A 275 -5.73 -0.70 -6.20
N ALA A 276 -4.53 -0.17 -6.41
CA ALA A 276 -3.32 -0.97 -6.26
C ALA A 276 -2.20 -0.08 -5.73
N MET A 277 -1.29 -0.70 -5.00
CA MET A 277 -0.11 -0.03 -4.48
C MET A 277 1.10 -0.50 -5.26
N PHE A 278 2.01 0.42 -5.52
CA PHE A 278 3.37 0.10 -5.94
C PHE A 278 4.29 0.24 -4.72
N GLU A 279 4.84 -0.88 -4.25
CA GLU A 279 5.44 -0.91 -2.90
C GLU A 279 6.92 -0.58 -2.88
N HIS A 280 7.65 -0.78 -3.98
CA HIS A 280 9.04 -0.33 -4.06
C HIS A 280 9.83 -0.89 -2.89
N TYR A 281 9.64 -2.20 -2.66
CA TYR A 281 10.26 -2.90 -1.53
C TYR A 281 11.69 -3.33 -1.81
N ASN A 282 12.17 -3.27 -3.06
CA ASN A 282 13.56 -3.65 -3.30
C ASN A 282 14.20 -2.81 -4.41
N ASN A 283 15.48 -3.13 -4.66
CA ASN A 283 16.31 -2.39 -5.59
C ASN A 283 15.77 -2.50 -7.00
N LYS A 284 15.33 -3.69 -7.40
CA LYS A 284 14.71 -3.85 -8.72
C LYS A 284 13.47 -2.97 -8.85
N LYS A 285 12.61 -2.96 -7.84
CA LYS A 285 11.42 -2.11 -7.95
C LYS A 285 11.81 -0.65 -8.14
N LEU A 286 12.95 -0.24 -7.62
CA LEU A 286 13.38 1.15 -7.74
C LEU A 286 14.23 1.43 -8.98
N SER A 287 14.54 0.40 -9.76
CA SER A 287 15.35 0.59 -10.95
C SER A 287 14.71 1.57 -11.93
N LYS A 288 15.56 2.27 -12.68
CA LYS A 288 15.06 3.19 -13.70
C LYS A 288 14.15 2.49 -14.69
N GLU A 289 14.48 1.25 -15.07
CA GLU A 289 13.63 0.51 -16.00
C GLU A 289 12.25 0.26 -15.40
N ASN A 290 12.21 -0.16 -14.14
CA ASN A 290 10.91 -0.46 -13.55
C ASN A 290 10.11 0.81 -13.25
N LEU A 291 10.77 1.90 -12.87
CA LEU A 291 10.01 3.14 -12.71
C LEU A 291 9.34 3.51 -14.02
N LEU A 292 10.06 3.35 -15.14
CA LEU A 292 9.46 3.63 -16.43
C LEU A 292 8.28 2.69 -16.68
N LYS A 293 8.46 1.38 -16.43
CA LYS A 293 7.34 0.47 -16.57
C LYS A 293 6.17 0.95 -15.73
N GLU A 294 6.45 1.33 -14.48
CA GLU A 294 5.38 1.70 -13.55
C GLU A 294 4.62 2.93 -14.01
N TRP A 295 5.29 3.87 -14.67
CA TRP A 295 4.53 5.01 -15.18
C TRP A 295 3.46 4.54 -16.16
N GLY A 296 3.79 3.57 -17.02
CA GLY A 296 2.78 3.02 -17.89
C GLY A 296 1.70 2.25 -17.14
N ASP A 297 2.10 1.55 -16.06
CA ASP A 297 1.13 0.85 -15.22
C ASP A 297 0.16 1.82 -14.56
N MET A 298 0.65 2.99 -14.14
CA MET A 298 -0.24 3.96 -13.51
C MET A 298 -1.26 4.50 -14.51
N LEU A 299 -0.81 4.74 -15.74
CA LEU A 299 -1.72 5.11 -16.82
C LEU A 299 -2.76 4.02 -17.04
N ALA A 300 -2.33 2.76 -17.13
CA ALA A 300 -3.26 1.69 -17.37
C ALA A 300 -4.25 1.57 -16.22
N ASN A 301 -3.80 1.77 -14.97
CA ASN A 301 -4.74 1.77 -13.85
C ASN A 301 -5.76 2.88 -13.99
N ALA A 302 -5.29 4.08 -14.34
CA ALA A 302 -6.18 5.21 -14.51
C ALA A 302 -7.21 4.91 -15.59
N LYS A 303 -6.77 4.30 -16.70
CA LYS A 303 -7.68 4.05 -17.81
C LYS A 303 -8.75 3.04 -17.42
N ALA A 304 -8.45 2.14 -16.49
CA ALA A 304 -9.37 1.12 -16.03
C ALA A 304 -10.26 1.59 -14.89
N GLY A 305 -10.15 2.86 -14.51
CA GLY A 305 -10.91 3.40 -13.41
C GLY A 305 -10.35 3.12 -12.03
N LYS A 306 -9.10 2.69 -11.94
CA LYS A 306 -8.55 2.30 -10.64
C LYS A 306 -7.58 3.34 -10.06
N MET A 307 -7.47 3.29 -8.74
CA MET A 307 -6.53 4.12 -8.00
C MET A 307 -5.16 3.45 -7.89
N SER A 308 -4.14 4.29 -7.85
CA SER A 308 -2.76 3.86 -7.65
C SER A 308 -2.21 4.55 -6.41
N ILE A 309 -1.48 3.80 -5.59
CA ILE A 309 -0.65 4.34 -4.53
C ILE A 309 0.80 4.10 -4.93
N PHE A 310 1.56 5.18 -5.07
CA PHE A 310 2.99 5.15 -5.36
C PHE A 310 3.66 5.38 -4.00
N ARG A 311 4.09 4.30 -3.35
CA ARG A 311 4.66 4.35 -2.01
C ARG A 311 6.17 4.25 -2.13
N ILE A 312 6.88 5.10 -1.38
CA ILE A 312 8.32 5.01 -1.27
C ILE A 312 8.67 4.93 0.21
N GLY A 313 9.51 3.95 0.57
CA GLY A 313 10.16 3.97 1.84
C GLY A 313 11.65 3.96 1.59
N VAL A 314 12.39 4.90 2.16
CA VAL A 314 13.80 5.00 1.80
C VAL A 314 14.63 3.87 2.39
N GLU A 315 14.07 3.10 3.33
CA GLU A 315 14.78 1.93 3.85
C GLU A 315 15.08 0.95 2.76
N ALA A 316 14.34 1.03 1.66
CA ALA A 316 14.50 0.06 0.61
C ALA A 316 15.76 0.31 -0.20
N GLU A 317 16.36 1.48 -0.05
CA GLU A 317 17.61 1.81 -0.74
C GLU A 317 18.82 1.07 -0.16
N LYS A 318 18.73 0.59 1.08
CA LYS A 318 19.90 0.07 1.77
C LYS A 318 21.07 1.04 1.71
N GLU A 319 20.77 2.35 1.78
CA GLU A 319 21.82 3.35 1.73
C GLU A 319 22.94 3.01 2.71
N GLU A 320 24.19 3.26 2.31
CA GLU A 320 25.31 3.02 3.20
C GLU A 320 25.18 3.82 4.49
N ALA A 321 24.41 4.92 4.45
CA ALA A 321 24.18 5.76 5.63
C ALA A 321 23.63 4.97 6.81
N SER A 322 22.85 3.91 6.57
CA SER A 322 22.18 3.24 7.68
C SER A 322 22.95 2.05 8.22
N GLN A 323 23.86 1.49 7.43
CA GLN A 323 24.76 0.39 7.83
C GLN A 323 25.26 0.49 9.26
N THR A 324 25.09 -0.60 10.00
CA THR A 324 25.57 -0.67 11.37
C THR A 324 24.76 -0.08 12.51
N LEU A 325 23.68 0.63 12.18
CA LEU A 325 23.05 1.56 13.12
C LEU A 325 21.89 0.76 13.68
N ILE A 326 21.48 1.13 14.90
CA ILE A 326 20.39 0.47 15.59
C ILE A 326 19.55 1.52 16.33
N LYS A 327 18.37 1.08 16.77
CA LYS A 327 17.55 1.84 17.71
C LYS A 327 17.28 3.24 17.22
N GLY A 328 17.24 4.21 18.15
CA GLY A 328 16.94 5.59 17.82
C GLY A 328 17.92 6.16 16.80
N SER A 329 19.16 5.71 16.84
CA SER A 329 20.14 6.22 15.91
C SER A 329 19.81 5.83 14.48
N ARG A 330 19.39 4.59 14.27
CA ARG A 330 18.99 4.18 12.93
C ARG A 330 17.79 4.99 12.47
N GLY A 331 16.83 5.20 13.36
CA GLY A 331 15.67 6.03 13.03
C GLY A 331 16.06 7.42 12.58
N GLU A 332 17.00 8.06 13.30
CA GLU A 332 17.39 9.42 12.93
C GLU A 332 18.02 9.45 11.55
N SER A 333 18.84 8.43 11.25
CA SER A 333 19.51 8.38 9.95
C SER A 333 18.51 8.14 8.82
N LEU A 334 17.50 7.29 9.05
CA LEU A 334 16.47 7.07 8.03
C LEU A 334 15.62 8.31 7.81
N GLU A 335 15.27 9.02 8.89
CA GLU A 335 14.50 10.25 8.72
C GLU A 335 15.31 11.24 7.91
N GLU A 336 16.59 11.43 8.26
CA GLU A 336 17.44 12.35 7.51
C GLU A 336 17.51 11.96 6.04
N LEU A 337 17.55 10.67 5.78
CA LEU A 337 17.64 10.21 4.41
C LEU A 337 16.34 10.48 3.67
N SER A 338 15.20 10.29 4.33
CA SER A 338 13.92 10.61 3.72
C SER A 338 13.84 12.08 3.34
N LYS A 339 14.36 12.98 4.18
CA LYS A 339 14.30 14.41 3.87
C LYS A 339 15.23 14.76 2.70
N GLU A 340 16.38 14.10 2.62
CA GLU A 340 17.34 14.36 1.52
C GLU A 340 16.83 13.81 0.19
N ARG A 341 16.11 12.70 0.22
CA ARG A 341 15.66 12.03 -1.00
C ARG A 341 14.27 12.44 -1.44
N LEU A 342 13.55 13.25 -0.65
CA LEU A 342 12.14 13.49 -0.95
C LEU A 342 11.95 14.07 -2.35
N GLU A 343 12.75 15.07 -2.73
CA GLU A 343 12.60 15.68 -4.06
C GLU A 343 12.72 14.64 -5.17
N TYR A 344 13.70 13.74 -5.07
CA TYR A 344 13.83 12.70 -6.10
C TYR A 344 12.59 11.82 -6.16
N TYR A 345 12.11 11.34 -5.01
CA TYR A 345 10.99 10.42 -5.01
C TYR A 345 9.68 11.13 -5.28
N GLN A 346 9.52 12.36 -4.81
CA GLN A 346 8.35 13.13 -5.21
C GLN A 346 8.32 13.29 -6.72
N ALA A 347 9.48 13.59 -7.33
CA ALA A 347 9.52 13.78 -8.78
C ALA A 347 9.14 12.50 -9.49
N CYS A 348 9.61 11.35 -8.96
CA CYS A 348 9.31 10.08 -9.63
C CYS A 348 7.81 9.87 -9.67
N PHE A 349 7.11 10.19 -8.57
CA PHE A 349 5.67 10.08 -8.58
C PHE A 349 5.06 11.08 -9.55
N LEU A 350 5.51 12.32 -9.49
CA LEU A 350 4.86 13.36 -10.28
C LEU A 350 4.97 13.08 -11.77
N ILE A 351 6.12 12.55 -12.20
CA ILE A 351 6.29 12.17 -13.60
C ILE A 351 5.15 11.27 -14.06
N GLY A 352 4.69 10.36 -13.20
CA GLY A 352 3.69 9.40 -13.62
C GLY A 352 2.31 9.60 -13.05
N ALA A 353 2.12 10.66 -12.28
CA ALA A 353 0.87 10.88 -11.56
C ALA A 353 -0.32 10.92 -12.52
N GLN A 354 -1.41 10.30 -12.10
CA GLN A 354 -2.70 10.36 -12.78
C GLN A 354 -3.73 10.79 -11.78
N PRO A 355 -4.93 11.17 -12.23
CA PRO A 355 -6.05 11.37 -11.31
C PRO A 355 -6.28 10.10 -10.49
N TYR A 356 -6.58 10.29 -9.20
CA TYR A 356 -6.80 9.24 -8.21
C TYR A 356 -5.57 8.36 -8.04
N SER A 357 -4.41 9.00 -8.10
CA SER A 357 -3.16 8.39 -7.68
C SER A 357 -2.66 9.18 -6.49
N TYR A 358 -1.99 8.49 -5.56
CA TYR A 358 -1.57 9.12 -4.31
C TYR A 358 -0.17 8.66 -4.02
N PHE A 359 0.60 9.56 -3.39
CA PHE A 359 2.00 9.36 -2.96
C PHE A 359 1.98 9.00 -1.48
N GLN A 360 2.71 7.94 -1.09
CA GLN A 360 2.98 7.65 0.30
C GLN A 360 4.48 7.75 0.53
N TYR A 361 4.89 8.36 1.66
CA TYR A 361 6.32 8.56 1.88
C TYR A 361 6.74 8.29 3.33
N GLY A 362 7.99 7.89 3.49
CA GLY A 362 8.56 7.72 4.77
C GLY A 362 9.69 6.74 4.70
N TRP A 363 9.75 5.87 5.70
CA TRP A 363 10.78 4.84 5.72
C TRP A 363 10.31 3.57 6.40
N GLY A 364 9.03 3.25 6.26
CA GLY A 364 8.46 2.06 6.84
C GLY A 364 6.94 2.12 6.82
N TRP A 365 6.34 1.35 7.72
CA TRP A 365 4.90 1.16 7.77
C TRP A 365 4.31 1.51 9.11
N ARG A 366 5.02 2.30 9.90
CA ARG A 366 4.60 2.57 11.26
C ARG A 366 4.19 4.03 11.39
N LEU A 367 3.55 4.32 12.53
CA LEU A 367 3.17 5.70 12.84
C LEU A 367 4.38 6.60 12.92
N ASP A 368 5.52 6.04 13.35
CA ASP A 368 6.74 6.80 13.55
C ASP A 368 7.72 6.67 12.42
N THR A 369 7.28 6.19 11.26
CA THR A 369 8.14 6.23 10.10
C THR A 369 7.56 7.05 8.94
N GLY A 370 7.03 8.24 9.23
CA GLY A 370 6.69 9.16 8.16
C GLY A 370 5.45 10.02 8.35
N PRO A 371 4.33 9.44 8.79
CA PRO A 371 3.10 10.23 8.82
C PRO A 371 3.18 11.44 9.73
N LEU A 372 3.99 11.40 10.77
CA LEU A 372 4.07 12.53 11.68
C LEU A 372 5.18 13.48 11.31
N VAL A 373 5.90 13.17 10.27
CA VAL A 373 7.11 13.92 9.91
C VAL A 373 6.69 15.05 9.00
N ASP A 374 7.25 16.23 9.22
CA ASP A 374 6.91 17.38 8.40
C ASP A 374 7.77 17.39 7.14
N TYR A 375 7.12 17.22 5.99
CA TYR A 375 7.75 17.29 4.67
C TYR A 375 7.11 18.45 3.93
N PRO A 376 7.62 19.67 4.09
CA PRO A 376 6.88 20.83 3.54
C PRO A 376 6.68 20.80 2.02
N GLU A 377 7.57 20.16 1.25
CA GLU A 377 7.39 20.13 -0.20
C GLU A 377 6.12 19.39 -0.64
N LEU A 378 5.66 18.41 0.14
CA LEU A 378 4.39 17.75 -0.14
C LEU A 378 3.21 18.69 0.02
N GLN A 379 3.41 19.86 0.64
CA GLN A 379 2.33 20.81 0.82
C GLN A 379 2.44 22.02 -0.10
N LYS A 380 3.44 22.09 -0.98
CA LYS A 380 3.52 23.21 -1.89
C LYS A 380 2.46 23.11 -2.99
N PRO A 381 2.05 24.24 -3.56
CA PRO A 381 0.97 24.21 -4.55
C PRO A 381 1.40 23.53 -5.83
N LEU A 382 0.52 22.67 -6.35
CA LEU A 382 0.86 21.79 -7.46
C LEU A 382 0.02 22.10 -8.69
N GLY A 383 -1.29 21.88 -8.63
CA GLY A 383 -2.19 22.15 -9.75
C GLY A 383 -2.23 21.02 -10.75
N ALA A 384 -3.12 21.18 -11.71
CA ALA A 384 -3.37 20.12 -12.69
C ALA A 384 -2.15 19.92 -13.59
N PRO A 385 -1.84 18.67 -13.97
CA PRO A 385 -0.72 18.45 -14.88
C PRO A 385 -1.09 18.97 -16.25
N LYS A 386 -0.05 19.36 -16.98
CA LYS A 386 -0.15 19.82 -18.36
C LYS A 386 0.26 18.69 -19.31
N GLY A 387 -0.52 17.63 -19.28
CA GLY A 387 -0.29 16.51 -20.16
C GLY A 387 0.74 15.52 -19.65
N ALA A 388 1.10 14.62 -20.54
CA ALA A 388 1.98 13.52 -20.19
C ALA A 388 3.43 13.98 -20.05
N TYR A 389 4.19 13.23 -19.26
CA TYR A 389 5.61 13.48 -19.17
C TYR A 389 6.32 13.30 -20.50
N LYS A 390 7.55 13.78 -20.57
CA LYS A 390 8.40 13.66 -21.74
C LYS A 390 9.72 12.99 -21.36
N ARG A 391 10.19 12.08 -22.20
CA ARG A 391 11.52 11.55 -22.06
C ARG A 391 12.44 12.49 -22.82
N LEU A 392 13.35 13.16 -22.09
CA LEU A 392 14.00 14.36 -22.62
C LEU A 392 14.66 14.07 -23.96
N HIS A 393 15.47 13.01 -24.03
CA HIS A 393 16.01 12.57 -25.30
C HIS A 393 16.22 11.07 -25.27
N GLU A 394 16.26 10.49 -26.47
CA GLU A 394 16.37 9.04 -26.65
C GLU A 394 17.42 8.43 -25.74
N ASN A 395 17.06 7.32 -25.09
CA ASN A 395 18.02 6.47 -24.41
C ASN A 395 18.74 7.20 -23.28
N GLY A 396 18.20 8.33 -22.83
CA GLY A 396 18.57 8.90 -21.56
C GLY A 396 17.46 8.64 -20.55
N TRP A 397 17.77 8.86 -19.28
CA TRP A 397 16.81 8.60 -18.22
C TRP A 397 16.41 9.87 -17.50
N GLU A 398 16.37 10.97 -18.26
CA GLU A 398 15.79 12.23 -17.81
C GLU A 398 14.35 12.34 -18.28
N PHE A 399 13.48 12.76 -17.39
CA PHE A 399 12.08 12.95 -17.73
C PHE A 399 11.62 14.28 -17.15
N THR A 400 10.65 14.90 -17.83
CA THR A 400 10.10 16.17 -17.40
C THR A 400 8.58 16.11 -17.42
N ARG A 401 7.97 16.92 -16.55
CA ARG A 401 6.55 17.16 -16.65
C ARG A 401 6.25 18.49 -16.00
N GLU A 402 5.25 19.18 -16.52
CA GLU A 402 4.86 20.49 -16.04
C GLU A 402 3.43 20.44 -15.51
N PHE A 403 3.21 21.11 -14.38
CA PHE A 403 1.90 21.26 -13.78
C PHE A 403 1.57 22.75 -13.71
N GLU A 404 0.39 23.10 -13.22
CA GLU A 404 0.02 24.51 -13.22
C GLU A 404 1.02 25.33 -12.42
N HIS A 405 1.61 24.74 -11.37
CA HIS A 405 2.43 25.50 -10.42
C HIS A 405 3.75 24.81 -10.15
N ALA A 406 4.29 24.10 -11.12
CA ALA A 406 5.55 23.40 -10.87
C ALA A 406 6.08 22.83 -12.18
N SER A 407 7.41 22.76 -12.24
CA SER A 407 8.14 22.05 -13.27
C SER A 407 8.94 20.92 -12.64
N VAL A 408 8.78 19.71 -13.17
CA VAL A 408 9.48 18.54 -12.68
C VAL A 408 10.53 18.13 -13.68
N TRP A 409 11.75 17.85 -13.17
CA TRP A 409 12.82 17.17 -13.88
C TRP A 409 13.36 16.06 -12.98
N VAL A 410 13.62 14.90 -13.55
CA VAL A 410 14.22 13.82 -12.78
C VAL A 410 15.09 12.98 -13.69
N ASP A 411 16.21 12.53 -13.16
CA ASP A 411 17.13 11.61 -13.80
C ASP A 411 17.08 10.33 -12.97
N THR A 412 16.36 9.33 -13.46
CA THR A 412 16.21 8.09 -12.70
C THR A 412 17.40 7.17 -12.85
N GLU A 413 18.35 7.52 -13.72
CA GLU A 413 19.59 6.76 -13.77
C GLU A 413 20.58 7.25 -12.73
N LYS A 414 20.82 8.54 -12.66
CA LYS A 414 21.78 9.10 -11.71
C LYS A 414 21.13 9.52 -10.39
N LYS A 415 19.82 9.33 -10.26
CA LYS A 415 19.07 9.58 -9.03
C LYS A 415 19.13 11.06 -8.60
N GLU A 416 18.85 11.94 -9.55
CA GLU A 416 18.76 13.37 -9.29
C GLU A 416 17.40 13.92 -9.71
N ALA A 417 17.04 15.05 -9.12
CA ALA A 417 15.79 15.68 -9.47
C ALA A 417 15.82 17.15 -9.10
N LYS A 418 14.88 17.89 -9.69
CA LYS A 418 14.63 19.29 -9.38
C LYS A 418 13.16 19.57 -9.65
N ILE A 419 12.43 19.96 -8.62
CA ILE A 419 11.07 20.47 -8.77
C ILE A 419 11.13 21.97 -8.55
N GLU A 420 10.77 22.74 -9.57
CA GLU A 420 10.77 24.20 -9.47
C GLU A 420 9.33 24.63 -9.26
N TRP A 421 9.07 25.29 -8.13
CA TRP A 421 7.72 25.64 -7.71
C TRP A 421 7.39 27.08 -8.08
N LYS A 422 6.23 27.27 -8.69
CA LYS A 422 5.82 28.57 -9.19
C LYS A 422 4.77 29.23 -8.32
C5 X6Y B . 3.96 -3.93 3.74
C6 X6Y B . 2.78 -3.04 3.59
C2 X6Y B . 4.54 -6.50 4.54
C4 X6Y B . 4.14 -4.29 5.21
C3 X6Y B . 5.10 -5.40 5.38
C1 X6Y B . 4.52 -6.20 3.04
O5 X6Y B . 3.69 -5.06 2.78
O4 X6Y B . 2.82 -4.63 5.70
O1 X6Y B . 5.82 -5.90 2.67
O3 X6Y B . 5.18 -5.86 6.76
S1 X6Y B . 4.46 -9.02 4.85
O6 X6Y B . 5.44 -10.04 5.31
O7 X6Y B . 3.87 -9.56 3.58
O8 X6Y B . 3.41 -8.78 5.87
O2 X6Y B . 5.30 -7.67 4.63
H5 X6Y B . 4.91 -3.47 3.48
H61 X6Y B . 1.88 -3.64 3.51
H63 X6Y B . 2.89 -2.44 2.69
H62 X6Y B . 2.70 -2.38 4.45
H2 X6Y B . 3.54 -6.65 4.92
H4 X6Y B . 4.54 -3.47 5.80
H3 X6Y B . 6.10 -5.10 5.13
H1 X6Y B . 4.17 -7.05 2.46
HO4 X6Y B . 2.47 -3.89 6.15
HO1 X6Y B . 5.87 -5.03 2.33
C5 X6Y B . 7.48 -7.71 7.03
C6 X6Y B . 8.53 -8.42 6.26
C2 X6Y B . 6.50 -5.67 8.73
C4 X6Y B . 7.64 -7.86 8.54
C3 X6Y B . 6.55 -7.12 9.22
C1 X6Y B . 6.41 -5.47 7.22
O5 X6Y B . 7.55 -6.24 6.68
O4 X6Y B . 8.90 -7.32 8.97
O3 X6Y B . 6.71 -6.96 10.68
S1 X6Y B . 5.53 -3.48 9.90
O6 X6Y B . 6.40 -3.34 11.11
O7 X6Y B . 6.32 -2.66 8.93
O8 X6Y B . 4.09 -3.03 10.15
O2 X6Y B . 5.42 -5.05 9.40
H5 X6Y B . 6.54 -8.18 6.74
H61 X6Y B . 8.17 -8.61 5.25
H63 X6Y B . 9.42 -7.79 6.21
H62 X6Y B . 8.76 -9.36 6.74
H2 X6Y B . 7.43 -5.19 8.97
H4 X6Y B . 7.62 -8.91 8.80
H3 X6Y B . 5.67 -7.71 9.04
H1 X6Y B . 6.45 -4.44 6.88
HO4 X6Y B . 9.42 -8.04 9.28
C5 X2Y B . 5.11 -6.14 12.68
C4 X2Y B . 6.07 -6.36 13.84
C3 X2Y B . 7.40 -6.90 13.39
C2 X2Y B . 7.20 -8.14 12.60
C1 X2Y B . 6.18 -7.94 11.48
O5 X2Y B . 4.90 -7.43 12.02
C6 X2Y B . 3.78 -5.61 13.09
O3 X2Y B . 8.23 -7.21 14.58
S1 X2Y B . 8.88 -10.10 12.20
O6 X2Y B . 10.26 -10.25 11.60
O7 X2Y B . 8.83 -10.47 13.65
O8 X2Y B . 7.98 -11.14 11.60
O2 X2Y B . 8.42 -8.53 11.95
S2 X2Y B . 5.56 -7.10 16.34
O9 X2Y B . 4.22 -7.32 16.94
O10 X2Y B . 6.67 -7.92 16.97
O11 X2Y B . 5.75 -5.64 16.66
O4 X2Y B . 5.46 -7.31 14.70
H5 X2Y B . 5.52 -5.38 12.03
H4 X2Y B . 6.26 -5.42 14.36
H3 X2Y B . 7.91 -6.17 12.80
H2 X2Y B . 6.88 -8.92 13.29
H1 X2Y B . 6.01 -8.85 10.93
H61 X2Y B . 3.20 -6.41 13.56
H63 X2Y B . 3.25 -5.25 12.22
H62 X2Y B . 3.91 -4.81 13.80
C1 FUC B . 8.98 -6.09 14.90
C2 FUC B . 9.85 -6.27 16.17
C3 FUC B . 10.68 -7.48 15.98
C4 FUC B . 11.59 -7.35 14.82
C5 FUC B . 10.81 -6.95 13.56
C6 FUC B . 11.79 -6.52 12.50
O2 FUC B . 9.01 -6.32 17.31
O3 FUC B . 11.49 -7.76 17.17
O4 FUC B . 12.61 -6.35 15.04
O5 FUC B . 9.86 -5.81 13.76
H1 FUC B . 8.24 -5.31 15.11
H2 FUC B . 10.50 -5.42 16.34
H3 FUC B . 10.01 -8.32 15.85
H4 FUC B . 12.08 -8.30 14.69
H5 FUC B . 10.26 -7.82 13.23
H61 FUC B . 12.04 -5.48 12.65
H62 FUC B . 12.69 -7.13 12.58
H63 FUC B . 11.34 -6.66 11.52
HO2 FUC B . 8.91 -7.23 17.58
HO3 FUC B . 11.51 -7.00 17.70
HO4 FUC B . 12.52 -6.02 15.91
#